data_8Y23
#
_entry.id   8Y23
#
_cell.length_a   46.918
_cell.length_b   86.004
_cell.length_c   58.402
_cell.angle_alpha   90.00
_cell.angle_beta   99.17
_cell.angle_gamma   90.00
#
_symmetry.space_group_name_H-M   'P 1 21 1'
#
loop_
_entity.id
_entity.type
_entity.pdbx_description
1 polymer Streptavidin
2 non-polymer 'methyl 5-(4-oxidanylidene-5~{H}-furo[3,2-c]pyridin-2-yl)pyridine-3-carboxylate'
3 water water
#
_entity_poly.entity_id   1
_entity_poly.type   'polypeptide(L)'
_entity_poly.pdbx_seq_one_letter_code
;AGITGTWYNQLGSTFIVTAGADGALTGTYESAVGNAESRYVLTGRYDSAPATDGSGTALGWTVAWKNNYRNAHSATTWSG
QYVGGAEARINTQWLLTSGTTEANAWKSTLVGHDTFTKVKP
;
_entity_poly.pdbx_strand_id   A,B,C,D
#
loop_
_chem_comp.id
_chem_comp.type
_chem_comp.name
_chem_comp.formula
6FX non-polymer 'methyl 5-(4-oxidanylidene-5~{H}-furo[3,2-c]pyridin-2-yl)pyridine-3-carboxylate' 'C14 H10 N2 O4'
#
# COMPACT_ATOMS: atom_id res chain seq x y z
N GLY A 2 22.94 9.15 13.41
CA GLY A 2 21.59 9.09 13.94
C GLY A 2 20.56 9.71 13.02
N ILE A 3 19.30 9.68 13.46
CA ILE A 3 18.20 10.16 12.64
C ILE A 3 18.24 11.67 12.48
N THR A 4 18.57 12.39 13.55
CA THR A 4 18.62 13.85 13.50
C THR A 4 19.57 14.32 12.40
N GLY A 5 19.09 15.20 11.54
CA GLY A 5 19.90 15.71 10.46
C GLY A 5 19.05 16.17 9.29
N THR A 6 19.74 16.46 8.18
CA THR A 6 19.09 16.87 6.94
C THR A 6 19.25 15.74 5.93
N TRP A 7 18.13 15.30 5.37
CA TRP A 7 18.06 14.16 4.47
C TRP A 7 17.47 14.60 3.14
N TYR A 8 17.79 13.85 2.08
CA TYR A 8 17.26 14.10 0.75
C TYR A 8 16.74 12.79 0.18
N ASN A 9 15.58 12.84 -0.48
CA ASN A 9 15.11 11.65 -1.16
C ASN A 9 15.63 11.61 -2.60
N GLN A 10 15.23 10.59 -3.33
CA GLN A 10 15.72 10.35 -4.68
C GLN A 10 15.21 11.38 -5.68
N LEU A 11 14.19 12.15 -5.32
CA LEU A 11 13.59 13.12 -6.22
C LEU A 11 13.97 14.55 -5.88
N GLY A 12 14.82 14.77 -4.89
CA GLY A 12 15.27 16.11 -4.54
C GLY A 12 14.53 16.78 -3.41
N SER A 13 13.61 16.08 -2.74
CA SER A 13 12.95 16.67 -1.58
C SER A 13 13.93 16.74 -0.41
N THR A 14 13.66 17.67 0.52
CA THR A 14 14.54 17.91 1.66
C THR A 14 13.78 17.70 2.96
N PHE A 15 14.31 16.83 3.83
CA PHE A 15 13.68 16.37 5.05
C PHE A 15 14.62 16.74 6.21
N ILE A 16 14.25 17.76 6.97
CA ILE A 16 15.08 18.27 8.06
C ILE A 16 14.40 17.87 9.36
N VAL A 17 15.05 16.98 10.11
CA VAL A 17 14.36 16.29 11.20
C VAL A 17 15.20 16.31 12.46
N THR A 18 14.51 16.35 13.60
CA THR A 18 15.13 16.23 14.90
C THR A 18 14.46 15.07 15.62
N ALA A 19 15.27 14.11 16.09
CA ALA A 19 14.78 12.95 16.84
C ALA A 19 15.01 13.21 18.32
N GLY A 20 13.92 13.42 19.06
CA GLY A 20 14.04 13.76 20.46
C GLY A 20 14.18 12.53 21.35
N ALA A 21 14.70 12.76 22.56
CA ALA A 21 14.92 11.65 23.49
C ALA A 21 13.63 10.92 23.85
N ASP A 22 12.48 11.59 23.76
CA ASP A 22 11.19 11.02 24.10
C ASP A 22 10.53 10.27 22.94
N GLY A 23 11.22 10.09 21.83
CA GLY A 23 10.63 9.42 20.68
C GLY A 23 9.98 10.33 19.66
N ALA A 24 10.09 11.64 19.83
CA ALA A 24 9.40 12.57 18.94
C ALA A 24 10.25 12.89 17.72
N LEU A 25 9.61 12.93 16.55
CA LEU A 25 10.21 13.50 15.35
C LEU A 25 9.55 14.83 15.08
N THR A 26 10.37 15.87 14.85
CA THR A 26 9.87 17.19 14.50
C THR A 26 10.74 17.76 13.38
N GLY A 27 10.19 18.68 12.62
CA GLY A 27 11.03 19.35 11.63
C GLY A 27 10.21 19.86 10.44
N THR A 28 10.87 19.95 9.29
CA THR A 28 10.25 20.51 8.10
C THR A 28 10.51 19.62 6.89
N TYR A 29 9.59 19.67 5.94
CA TYR A 29 9.71 18.94 4.69
C TYR A 29 9.50 19.89 3.53
N GLU A 30 10.36 19.79 2.51
CA GLU A 30 10.21 20.56 1.29
C GLU A 30 10.21 19.57 0.13
N SER A 31 9.15 19.61 -0.67
CA SER A 31 8.92 18.62 -1.70
C SER A 31 9.28 19.17 -3.07
N ALA A 32 9.95 18.35 -3.88
CA ALA A 32 10.27 18.72 -5.24
C ALA A 32 9.15 18.42 -6.23
N VAL A 33 8.06 17.78 -5.78
CA VAL A 33 6.97 17.38 -6.66
C VAL A 33 5.64 17.82 -6.08
N GLY A 34 4.62 17.81 -6.93
CA GLY A 34 3.25 18.03 -6.50
C GLY A 34 2.90 19.49 -6.27
N ASN A 35 1.70 19.68 -5.72
CA ASN A 35 1.19 21.02 -5.41
C ASN A 35 1.81 21.45 -4.08
N ALA A 36 3.08 21.89 -4.16
CA ALA A 36 3.85 22.20 -2.97
C ALA A 36 4.85 23.31 -3.23
N GLU A 37 5.05 24.17 -2.22
CA GLU A 37 6.00 25.27 -2.30
C GLU A 37 6.56 25.51 -0.91
N SER A 38 7.89 25.62 -0.82
CA SER A 38 8.59 25.93 0.42
C SER A 38 8.47 24.83 1.47
N ARG A 39 8.64 25.17 2.74
CA ARG A 39 8.67 24.18 3.81
C ARG A 39 7.31 23.96 4.45
N TYR A 40 7.08 22.72 4.88
CA TYR A 40 5.87 22.32 5.57
C TYR A 40 6.25 21.65 6.89
N VAL A 41 5.39 21.81 7.90
CA VAL A 41 5.62 21.19 9.20
C VAL A 41 5.46 19.67 9.09
N LEU A 42 6.34 18.94 9.76
CA LEU A 42 6.13 17.50 9.95
C LEU A 42 6.21 17.15 11.44
N THR A 43 5.46 16.12 11.82
CA THR A 43 5.62 15.49 13.13
C THR A 43 5.50 13.98 12.98
N GLY A 44 6.18 13.26 13.86
CA GLY A 44 6.15 11.82 13.81
C GLY A 44 6.72 11.21 15.07
N ARG A 45 7.00 9.91 14.99
CA ARG A 45 7.50 9.12 16.12
C ARG A 45 8.57 8.17 15.61
N TYR A 46 9.48 7.80 16.51
CA TYR A 46 10.47 6.77 16.19
C TYR A 46 10.76 5.95 17.43
N ASP A 47 11.31 4.75 17.22
CA ASP A 47 11.66 3.84 18.30
C ASP A 47 12.95 4.36 18.95
N SER A 48 12.85 4.85 20.18
CA SER A 48 14.00 5.44 20.85
C SER A 48 14.91 4.42 21.51
N ALA A 49 14.55 3.13 21.47
CA ALA A 49 15.39 2.08 22.04
C ALA A 49 15.37 0.87 21.11
N PRO A 50 15.98 1.01 19.93
CA PRO A 50 15.89 -0.08 18.94
C PRO A 50 16.59 -1.35 19.41
N ALA A 51 16.27 -2.44 18.71
CA ALA A 51 16.91 -3.72 19.00
C ALA A 51 18.40 -3.64 18.74
N THR A 52 19.15 -4.53 19.40
CA THR A 52 20.60 -4.55 19.32
C THR A 52 21.11 -5.73 18.49
N ASP A 53 20.28 -6.24 17.58
CA ASP A 53 20.59 -7.43 16.79
C ASP A 53 20.93 -7.10 15.35
N GLY A 54 21.22 -5.84 15.04
CA GLY A 54 21.49 -5.43 13.67
C GLY A 54 20.29 -4.87 12.93
N SER A 55 19.11 -4.83 13.54
CA SER A 55 17.91 -4.32 12.89
C SER A 55 17.95 -2.80 12.80
N GLY A 56 17.23 -2.27 11.81
CA GLY A 56 17.04 -0.84 11.70
C GLY A 56 16.10 -0.30 12.76
N THR A 57 15.90 1.02 12.73
CA THR A 57 15.08 1.74 13.70
C THR A 57 13.77 2.18 13.06
N ALA A 58 12.65 1.68 13.58
CA ALA A 58 11.35 1.97 12.99
C ALA A 58 10.93 3.41 13.26
N LEU A 59 10.23 4.00 12.30
CA LEU A 59 9.82 5.40 12.42
C LEU A 59 8.68 5.71 11.45
N GLY A 60 8.04 6.85 11.67
CA GLY A 60 7.04 7.35 10.74
C GLY A 60 6.80 8.82 10.98
N TRP A 61 6.31 9.52 9.95
CA TRP A 61 5.96 10.93 10.10
C TRP A 61 4.91 11.33 9.08
N THR A 62 4.26 12.48 9.36
CA THR A 62 3.18 13.02 8.55
C THR A 62 3.45 14.46 8.16
N VAL A 63 3.14 14.81 6.92
CA VAL A 63 3.06 16.20 6.46
C VAL A 63 1.65 16.44 5.94
N ALA A 64 0.97 17.44 6.48
CA ALA A 64 -0.23 17.97 5.86
C ALA A 64 0.21 19.10 4.93
N TRP A 65 -0.23 19.03 3.67
CA TRP A 65 0.31 19.92 2.63
C TRP A 65 -0.36 21.28 2.64
N LYS A 66 -0.37 21.92 3.81
CA LYS A 66 -0.86 23.29 4.01
C LYS A 66 0.25 24.09 4.68
N ASN A 67 0.58 25.25 4.10
CA ASN A 67 1.48 26.20 4.74
C ASN A 67 0.96 27.60 4.44
N ASN A 68 1.80 28.62 4.66
CA ASN A 68 1.36 29.99 4.42
C ASN A 68 1.18 30.30 2.94
N TYR A 69 1.72 29.46 2.06
CA TYR A 69 1.73 29.72 0.63
C TYR A 69 0.66 28.96 -0.15
N ARG A 70 0.41 27.70 0.21
CA ARG A 70 -0.51 26.86 -0.57
C ARG A 70 -1.20 25.87 0.37
N ASN A 71 -2.29 25.29 -0.13
CA ASN A 71 -2.99 24.22 0.58
C ASN A 71 -3.52 23.22 -0.45
N ALA A 72 -2.91 22.05 -0.53
CA ALA A 72 -3.29 21.01 -1.48
C ALA A 72 -4.44 20.13 -0.97
N HIS A 73 -4.91 20.35 0.26
CA HIS A 73 -5.96 19.54 0.87
C HIS A 73 -5.62 18.05 0.83
N SER A 74 -4.46 17.73 1.38
CA SER A 74 -3.91 16.37 1.31
C SER A 74 -2.84 16.21 2.38
N ALA A 75 -2.46 14.95 2.64
CA ALA A 75 -1.45 14.65 3.64
C ALA A 75 -0.72 13.38 3.25
N THR A 76 0.60 13.36 3.46
CA THR A 76 1.41 12.17 3.24
C THR A 76 1.92 11.63 4.57
N THR A 77 1.87 10.31 4.74
CA THR A 77 2.57 9.64 5.83
C THR A 77 3.66 8.74 5.25
N TRP A 78 4.85 8.82 5.83
CA TRP A 78 5.97 7.95 5.49
C TRP A 78 6.18 6.99 6.65
N SER A 79 6.31 5.71 6.33
CA SER A 79 6.53 4.65 7.31
C SER A 79 7.78 3.90 6.89
N GLY A 80 8.73 3.74 7.80
CA GLY A 80 9.97 3.15 7.37
C GLY A 80 10.93 2.82 8.50
N GLN A 81 12.20 2.69 8.12
CA GLN A 81 13.23 2.42 9.11
C GLN A 81 14.55 3.09 8.75
N TYR A 82 15.24 3.54 9.77
CA TYR A 82 16.58 4.10 9.64
C TYR A 82 17.61 2.98 9.74
N VAL A 83 18.55 2.97 8.82
CA VAL A 83 19.62 1.97 8.76
C VAL A 83 20.93 2.72 8.83
N GLY A 84 21.67 2.55 9.92
CA GLY A 84 22.94 3.23 10.06
C GLY A 84 24.02 2.58 9.22
N GLY A 85 25.18 3.25 9.17
CA GLY A 85 26.31 2.73 8.45
C GLY A 85 27.08 3.84 7.78
N ALA A 86 28.06 3.43 6.96
CA ALA A 86 28.87 4.41 6.24
C ALA A 86 28.03 5.25 5.30
N GLU A 87 26.96 4.68 4.76
CA GLU A 87 25.99 5.38 3.92
C GLU A 87 24.65 5.23 4.61
N ALA A 88 24.42 6.04 5.64
CA ALA A 88 23.17 5.97 6.40
C ALA A 88 21.99 6.24 5.49
N ARG A 89 20.87 5.59 5.79
CA ARG A 89 19.71 5.60 4.89
C ARG A 89 18.43 5.44 5.69
N ILE A 90 17.38 6.12 5.25
CA ILE A 90 16.03 5.89 5.76
C ILE A 90 15.19 5.38 4.59
N ASN A 91 14.71 4.16 4.70
CA ASN A 91 13.94 3.52 3.64
C ASN A 91 12.47 3.57 4.04
N THR A 92 11.64 4.13 3.16
CA THR A 92 10.24 4.33 3.51
C THR A 92 9.29 3.88 2.41
N GLN A 93 8.06 3.62 2.82
N GLN A 93 8.07 3.56 2.83
CA GLN A 93 6.92 3.57 1.94
CA GLN A 93 6.88 3.54 2.01
C GLN A 93 5.90 4.58 2.44
C GLN A 93 6.02 4.72 2.42
N TRP A 94 5.16 5.18 1.51
CA TRP A 94 4.31 6.32 1.83
C TRP A 94 2.91 6.19 1.27
N LEU A 95 1.98 6.86 1.95
CA LEU A 95 0.58 6.97 1.53
C LEU A 95 0.23 8.44 1.50
N LEU A 96 -0.37 8.89 0.40
CA LEU A 96 -0.75 10.29 0.21
C LEU A 96 -2.25 10.34 -0.03
N THR A 97 -3.00 10.81 0.96
CA THR A 97 -4.46 10.86 0.88
C THR A 97 -4.92 12.29 0.69
N SER A 98 -5.80 12.51 -0.29
CA SER A 98 -6.43 13.79 -0.53
C SER A 98 -7.82 13.79 0.09
N GLY A 99 -8.25 14.97 0.53
CA GLY A 99 -9.65 15.15 0.90
C GLY A 99 -10.53 15.11 -0.34
N THR A 100 -11.53 14.23 -0.33
CA THR A 100 -12.39 14.02 -1.49
C THR A 100 -13.84 13.91 -1.03
N THR A 101 -14.76 13.96 -2.00
CA THR A 101 -16.12 13.54 -1.75
C THR A 101 -16.17 12.02 -1.62
N GLU A 102 -17.30 11.51 -1.11
CA GLU A 102 -17.45 10.06 -0.98
C GLU A 102 -17.39 9.36 -2.34
N ALA A 103 -18.00 9.97 -3.36
CA ALA A 103 -18.00 9.33 -4.69
C ALA A 103 -16.58 9.20 -5.25
N ASN A 104 -15.67 10.08 -4.84
CA ASN A 104 -14.29 10.05 -5.33
C ASN A 104 -13.32 9.43 -4.35
N ALA A 105 -13.80 8.91 -3.21
CA ALA A 105 -12.89 8.44 -2.17
C ALA A 105 -12.10 7.22 -2.61
N TRP A 106 -12.64 6.42 -3.55
CA TRP A 106 -11.94 5.21 -3.96
C TRP A 106 -10.58 5.51 -4.56
N LYS A 107 -10.41 6.71 -5.14
CA LYS A 107 -9.15 7.12 -5.75
C LYS A 107 -8.47 8.24 -4.97
N SER A 108 -8.68 8.27 -3.65
CA SER A 108 -8.15 9.32 -2.79
C SER A 108 -6.71 9.11 -2.37
N THR A 109 -6.12 7.93 -2.57
CA THR A 109 -4.85 7.59 -1.91
C THR A 109 -3.82 7.09 -2.92
N LEU A 110 -2.70 7.80 -3.02
CA LEU A 110 -1.53 7.35 -3.78
C LEU A 110 -0.55 6.64 -2.86
N VAL A 111 0.25 5.74 -3.43
CA VAL A 111 1.24 4.96 -2.70
C VAL A 111 2.58 4.99 -3.45
N GLY A 112 3.67 5.06 -2.69
CA GLY A 112 4.99 4.99 -3.27
C GLY A 112 6.04 4.62 -2.24
N HIS A 113 7.29 4.80 -2.65
CA HIS A 113 8.43 4.53 -1.77
C HIS A 113 9.50 5.58 -1.99
N ASP A 114 10.07 6.07 -0.89
CA ASP A 114 11.12 7.08 -0.89
C ASP A 114 12.31 6.55 -0.09
N THR A 115 13.51 6.73 -0.61
CA THR A 115 14.71 6.43 0.15
C THR A 115 15.49 7.71 0.40
N PHE A 116 15.89 7.92 1.65
CA PHE A 116 16.55 9.15 2.08
C PHE A 116 17.99 8.88 2.44
N THR A 117 18.88 9.79 2.04
CA THR A 117 20.28 9.75 2.42
C THR A 117 20.71 11.13 2.88
N LYS A 118 21.77 11.17 3.70
CA LYS A 118 22.29 12.45 4.14
C LYS A 118 23.14 13.12 3.07
N VAL A 119 23.48 12.40 2.00
CA VAL A 119 24.16 12.97 0.85
C VAL A 119 23.12 13.12 -0.26
N LYS A 120 23.08 14.30 -0.86
CA LYS A 120 22.07 14.57 -1.87
C LYS A 120 22.43 13.86 -3.17
N PRO A 121 21.55 13.00 -3.72
CA PRO A 121 21.87 12.30 -4.97
C PRO A 121 21.86 13.23 -6.18
N GLY B 2 8.69 -5.22 -26.20
CA GLY B 2 9.87 -5.16 -25.35
C GLY B 2 9.74 -5.87 -24.02
N ILE B 3 8.55 -6.40 -23.72
CA ILE B 3 8.31 -7.05 -22.43
C ILE B 3 8.74 -8.51 -22.44
N THR B 4 8.47 -9.23 -23.53
CA THR B 4 8.81 -10.66 -23.58
C THR B 4 10.29 -10.88 -23.31
N GLY B 5 10.59 -11.82 -22.41
CA GLY B 5 11.96 -12.19 -22.15
C GLY B 5 12.19 -12.46 -20.68
N THR B 6 13.48 -12.48 -20.31
CA THR B 6 13.91 -12.79 -18.96
C THR B 6 14.30 -11.51 -18.23
N TRP B 7 13.80 -11.35 -17.01
CA TRP B 7 14.01 -10.15 -16.20
C TRP B 7 14.52 -10.57 -14.82
N TYR B 8 15.26 -9.66 -14.19
CA TYR B 8 15.89 -9.94 -12.90
C TYR B 8 15.57 -8.79 -11.94
N ASN B 9 15.11 -9.13 -10.74
CA ASN B 9 14.85 -8.10 -9.74
C ASN B 9 16.10 -7.80 -8.92
N GLN B 10 15.95 -6.92 -7.94
CA GLN B 10 17.07 -6.44 -7.14
C GLN B 10 17.55 -7.44 -6.10
N LEU B 11 16.79 -8.52 -5.85
CA LEU B 11 17.11 -9.49 -4.82
C LEU B 11 17.42 -10.88 -5.38
N GLY B 12 17.68 -10.98 -6.68
CA GLY B 12 18.09 -12.25 -7.26
C GLY B 12 16.97 -13.15 -7.76
N SER B 13 15.73 -12.67 -7.80
CA SER B 13 14.66 -13.46 -8.41
C SER B 13 14.71 -13.29 -9.93
N THR B 14 14.18 -14.30 -10.63
CA THR B 14 14.12 -14.31 -12.09
C THR B 14 12.67 -14.41 -12.54
N PHE B 15 12.31 -13.55 -13.49
CA PHE B 15 10.95 -13.34 -13.97
C PHE B 15 11.02 -13.61 -15.47
N ILE B 16 10.41 -14.70 -15.91
CA ILE B 16 10.45 -15.13 -17.30
C ILE B 16 9.04 -14.99 -17.85
N VAL B 17 8.85 -14.13 -18.86
CA VAL B 17 7.51 -13.73 -19.25
C VAL B 17 7.40 -13.68 -20.78
N THR B 18 6.22 -14.05 -21.29
CA THR B 18 5.84 -13.78 -22.67
C THR B 18 4.63 -12.85 -22.66
N ALA B 19 4.71 -11.78 -23.46
CA ALA B 19 3.62 -10.84 -23.62
C ALA B 19 2.90 -11.17 -24.93
N GLY B 20 1.70 -11.75 -24.80
CA GLY B 20 0.97 -12.20 -25.97
C GLY B 20 0.23 -11.08 -26.67
N ALA B 21 -0.12 -11.33 -27.93
CA ALA B 21 -0.81 -10.33 -28.72
C ALA B 21 -2.15 -9.92 -28.13
N ASP B 22 -2.77 -10.78 -27.32
CA ASP B 22 -4.08 -10.51 -26.73
C ASP B 22 -4.01 -9.76 -25.41
N GLY B 23 -2.83 -9.30 -25.01
CA GLY B 23 -2.67 -8.62 -23.74
C GLY B 23 -2.31 -9.51 -22.58
N ALA B 24 -2.06 -10.79 -22.82
CA ALA B 24 -1.77 -11.73 -21.74
C ALA B 24 -0.31 -11.69 -21.35
N LEU B 25 -0.04 -11.82 -20.06
CA LEU B 25 1.30 -12.15 -19.57
C LEU B 25 1.26 -13.59 -19.05
N THR B 26 2.23 -14.40 -19.47
CA THR B 26 2.34 -15.78 -19.02
C THR B 26 3.82 -16.08 -18.78
N GLY B 27 4.09 -16.98 -17.85
CA GLY B 27 5.49 -17.32 -17.63
C GLY B 27 5.72 -17.97 -16.26
N THR B 28 6.96 -17.84 -15.78
CA THR B 28 7.38 -18.45 -14.53
C THR B 28 8.18 -17.45 -13.70
N TYR B 29 8.11 -17.61 -12.37
CA TYR B 29 8.85 -16.78 -11.44
C TYR B 29 9.66 -17.68 -10.53
N GLU B 30 10.93 -17.34 -10.30
CA GLU B 30 11.77 -18.17 -9.44
C GLU B 30 12.68 -17.31 -8.58
N SER B 31 13.05 -17.84 -7.41
CA SER B 31 14.05 -17.16 -6.59
C SER B 31 15.31 -18.02 -6.46
N GLY B 34 17.41 -21.83 -8.25
CA GLY B 34 17.25 -21.97 -9.69
C GLY B 34 16.65 -23.29 -10.11
N ASN B 35 16.28 -24.11 -9.13
CA ASN B 35 15.72 -25.42 -9.39
C ASN B 35 14.20 -25.36 -9.56
N ALA B 36 13.62 -26.50 -9.93
CA ALA B 36 12.17 -26.56 -10.12
C ALA B 36 11.42 -26.30 -8.82
N GLU B 37 12.01 -26.69 -7.69
CA GLU B 37 11.36 -26.49 -6.39
C GLU B 37 11.11 -25.03 -6.09
N SER B 38 11.85 -24.12 -6.72
CA SER B 38 11.70 -22.69 -6.48
C SER B 38 11.00 -21.95 -7.61
N ARG B 39 10.40 -22.66 -8.57
CA ARG B 39 9.78 -22.03 -9.73
C ARG B 39 8.25 -22.13 -9.65
N TYR B 40 7.58 -21.03 -9.99
CA TYR B 40 6.13 -20.89 -9.82
C TYR B 40 5.51 -20.27 -11.06
N VAL B 41 4.26 -20.64 -11.33
CA VAL B 41 3.52 -20.11 -12.47
C VAL B 41 3.12 -18.66 -12.20
N LEU B 42 3.17 -17.83 -13.24
CA LEU B 42 2.60 -16.49 -13.16
C LEU B 42 1.68 -16.21 -14.35
N THR B 43 0.68 -15.39 -14.11
N THR B 43 0.65 -15.41 -14.10
CA THR B 43 -0.19 -14.90 -15.18
CA THR B 43 -0.23 -14.92 -15.15
C THR B 43 -0.61 -13.48 -14.86
C THR B 43 -0.59 -13.47 -14.85
N GLY B 44 -0.80 -12.70 -15.91
CA GLY B 44 -1.19 -11.31 -15.73
C GLY B 44 -1.65 -10.69 -17.04
N ARG B 45 -1.67 -9.37 -17.06
CA ARG B 45 -2.17 -8.60 -18.20
C ARG B 45 -1.30 -7.36 -18.38
N TYR B 46 -1.25 -6.87 -19.62
CA TYR B 46 -0.56 -5.62 -19.91
C TYR B 46 -1.31 -4.86 -20.99
N ASP B 47 -1.05 -3.56 -21.06
CA ASP B 47 -1.62 -2.69 -22.08
C ASP B 47 -0.95 -2.99 -23.42
N SER B 48 -1.69 -3.60 -24.36
CA SER B 48 -1.13 -3.98 -25.64
C SER B 48 -1.12 -2.84 -26.65
N ALA B 49 -1.65 -1.67 -26.28
CA ALA B 49 -1.61 -0.49 -27.16
C ALA B 49 -1.23 0.73 -26.33
N PRO B 50 -0.02 0.75 -25.77
CA PRO B 50 0.38 1.90 -24.94
C PRO B 50 0.55 3.16 -25.76
N ALA B 51 0.58 4.29 -25.05
CA ALA B 51 0.86 5.56 -25.70
C ALA B 51 2.27 5.58 -26.24
N THR B 52 2.49 6.40 -27.28
CA THR B 52 3.84 6.60 -27.81
C THR B 52 4.25 8.05 -27.56
N ASP B 53 4.22 8.46 -26.29
CA ASP B 53 4.53 9.83 -25.91
C ASP B 53 5.57 9.88 -24.80
N GLY B 54 6.28 8.77 -24.57
CA GLY B 54 7.24 8.68 -23.49
C GLY B 54 6.70 8.03 -22.23
N SER B 55 5.40 7.75 -22.16
CA SER B 55 4.83 7.10 -20.99
C SER B 55 5.14 5.60 -20.99
N GLY B 56 5.17 5.02 -19.80
CA GLY B 56 5.38 3.60 -19.67
C GLY B 56 4.16 2.77 -20.07
N THR B 57 4.35 1.45 -20.06
CA THR B 57 3.30 0.49 -20.42
C THR B 57 2.79 -0.16 -19.12
N ALA B 58 1.53 0.08 -18.79
CA ALA B 58 0.97 -0.45 -17.55
C ALA B 58 0.79 -1.96 -17.62
N LEU B 59 1.01 -2.63 -16.49
CA LEU B 59 0.93 -4.10 -16.45
C LEU B 59 0.76 -4.57 -15.01
N GLY B 60 0.43 -5.85 -14.87
CA GLY B 60 0.42 -6.49 -13.56
C GLY B 60 0.42 -7.99 -13.72
N TRP B 61 0.86 -8.70 -12.67
CA TRP B 61 0.79 -10.15 -12.70
C TRP B 61 0.70 -10.68 -11.28
N THR B 62 0.35 -11.97 -11.18
CA THR B 62 0.17 -12.66 -9.91
C THR B 62 0.97 -13.96 -9.89
N VAL B 63 1.57 -14.26 -8.74
CA VAL B 63 2.10 -15.60 -8.44
C VAL B 63 1.41 -16.09 -7.17
N ALA B 64 0.79 -17.27 -7.24
CA ALA B 64 0.39 -17.99 -6.03
C ALA B 64 1.54 -18.93 -5.66
N TRP B 65 1.95 -18.90 -4.40
CA TRP B 65 3.20 -19.55 -3.99
C TRP B 65 3.00 -21.02 -3.68
N LYS B 66 2.36 -21.72 -4.63
CA LYS B 66 2.22 -23.17 -4.61
C LYS B 66 2.82 -23.72 -5.89
N ASN B 67 3.65 -24.76 -5.76
CA ASN B 67 4.02 -25.56 -6.91
C ASN B 67 3.91 -27.04 -6.54
N ASN B 68 4.52 -27.92 -7.32
CA ASN B 68 4.38 -29.35 -7.01
C ASN B 68 5.20 -29.79 -5.80
N TYR B 69 5.98 -28.89 -5.22
CA TYR B 69 6.91 -29.23 -4.13
C TYR B 69 6.62 -28.52 -2.83
N ARG B 70 6.08 -27.30 -2.87
CA ARG B 70 5.93 -26.46 -1.69
C ARG B 70 4.63 -25.66 -1.81
N ASN B 71 4.18 -25.13 -0.68
CA ASN B 71 2.99 -24.26 -0.69
C ASN B 71 3.04 -23.35 0.53
N ALA B 72 3.22 -22.05 0.29
CA ALA B 72 3.28 -21.04 1.33
C ALA B 72 1.91 -20.49 1.71
N HIS B 73 0.85 -20.95 1.04
CA HIS B 73 -0.52 -20.45 1.26
C HIS B 73 -0.54 -18.93 1.22
N SER B 74 -0.08 -18.39 0.10
CA SER B 74 0.04 -16.95 -0.07
C SER B 74 0.15 -16.65 -1.56
N ALA B 75 -0.01 -15.37 -1.91
CA ALA B 75 0.08 -14.95 -3.31
C ALA B 75 0.55 -13.50 -3.36
N THR B 76 1.39 -13.20 -4.35
CA THR B 76 1.87 -11.83 -4.59
C THR B 76 1.31 -11.31 -5.90
N THR B 77 0.88 -10.05 -5.90
CA THR B 77 0.56 -9.32 -7.12
C THR B 77 1.54 -8.17 -7.29
N TRP B 78 2.07 -8.02 -8.49
CA TRP B 78 2.93 -6.90 -8.85
C TRP B 78 2.14 -5.99 -9.78
N SER B 79 2.16 -4.68 -9.51
CA SER B 79 1.48 -3.68 -10.32
C SER B 79 2.52 -2.65 -10.71
N GLY B 80 2.65 -2.35 -12.00
CA GLY B 80 3.69 -1.43 -12.40
C GLY B 80 3.67 -1.03 -13.84
N GLN B 81 4.82 -0.58 -14.33
CA GLN B 81 4.92 -0.19 -15.72
C GLN B 81 6.28 -0.58 -16.29
N TYR B 82 6.25 -0.98 -17.56
CA TYR B 82 7.46 -1.24 -18.33
C TYR B 82 7.93 0.08 -18.96
N VAL B 83 9.24 0.33 -18.86
CA VAL B 83 9.86 1.53 -19.41
C VAL B 83 10.97 1.05 -20.34
N GLY B 84 10.82 1.31 -21.63
CA GLY B 84 11.83 0.91 -22.60
C GLY B 84 12.99 1.88 -22.66
N GLY B 85 13.98 1.50 -23.46
CA GLY B 85 15.16 2.30 -23.69
C GLY B 85 16.41 1.46 -23.56
N ALA B 86 17.56 2.15 -23.51
CA ALA B 86 18.84 1.47 -23.43
C ALA B 86 19.00 0.70 -22.12
N GLU B 87 18.39 1.18 -21.04
CA GLU B 87 18.37 0.48 -19.77
C GLU B 87 16.90 0.25 -19.40
N ALA B 88 16.26 -0.67 -20.11
CA ALA B 88 14.85 -0.93 -19.90
C ALA B 88 14.60 -1.45 -18.50
N ARG B 89 13.42 -1.13 -17.96
CA ARG B 89 13.07 -1.50 -16.59
C ARG B 89 11.59 -1.88 -16.52
N ILE B 90 11.26 -2.72 -15.56
CA ILE B 90 9.88 -2.87 -15.12
C ILE B 90 9.84 -2.45 -13.65
N ASN B 91 9.15 -1.34 -13.37
CA ASN B 91 9.11 -0.76 -12.03
C ASN B 91 7.77 -1.10 -11.40
N THR B 92 7.80 -1.77 -10.24
CA THR B 92 6.58 -2.31 -9.66
C THR B 92 6.47 -1.99 -8.17
N GLN B 93 5.24 -2.04 -7.70
CA GLN B 93 4.94 -2.19 -6.29
C GLN B 93 4.13 -3.46 -6.15
N TRP B 94 4.21 -4.10 -4.99
CA TRP B 94 3.60 -5.41 -4.83
C TRP B 94 2.85 -5.52 -3.51
N LEU B 95 1.89 -6.45 -3.51
CA LEU B 95 1.13 -6.85 -2.34
C LEU B 95 1.20 -8.35 -2.20
N LEU B 96 1.49 -8.84 -1.00
CA LEU B 96 1.66 -10.26 -0.71
C LEU B 96 0.68 -10.62 0.40
N THR B 97 -0.40 -11.32 0.03
CA THR B 97 -1.43 -11.69 0.99
C THR B 97 -1.30 -13.17 1.33
N SER B 98 -1.30 -13.47 2.63
CA SER B 98 -1.33 -14.84 3.12
C SER B 98 -2.76 -15.23 3.49
N GLY B 99 -3.08 -16.50 3.33
CA GLY B 99 -4.32 -17.04 3.88
C GLY B 99 -4.23 -17.07 5.38
N THR B 100 -5.18 -16.42 6.08
CA THR B 100 -5.16 -16.36 7.54
C THR B 100 -6.56 -16.62 8.08
N THR B 101 -6.64 -16.84 9.39
CA THR B 101 -7.93 -16.76 10.07
C THR B 101 -8.40 -15.31 10.14
N GLU B 102 -9.67 -15.12 10.49
CA GLU B 102 -10.20 -13.76 10.59
C GLU B 102 -9.47 -12.96 11.66
N ALA B 103 -9.14 -13.60 12.78
CA ALA B 103 -8.46 -12.89 13.86
C ALA B 103 -7.09 -12.38 13.45
N ASN B 104 -6.45 -13.05 12.48
CA ASN B 104 -5.13 -12.66 12.03
C ASN B 104 -5.16 -11.92 10.69
N ALA B 105 -6.35 -11.63 10.17
CA ALA B 105 -6.46 -11.05 8.84
C ALA B 105 -5.88 -9.64 8.79
N TRP B 106 -5.88 -8.92 9.91
CA TRP B 106 -5.39 -7.55 9.90
C TRP B 106 -3.92 -7.47 9.49
N LYS B 107 -3.16 -8.54 9.73
CA LYS B 107 -1.74 -8.59 9.40
C LYS B 107 -1.45 -9.56 8.26
N SER B 108 -2.42 -9.75 7.37
CA SER B 108 -2.32 -10.71 6.28
C SER B 108 -1.52 -10.21 5.08
N THR B 109 -1.24 -8.91 4.96
CA THR B 109 -0.77 -8.37 3.68
C THR B 109 0.51 -7.56 3.87
N LEU B 110 1.57 -7.96 3.18
CA LEU B 110 2.82 -7.22 3.09
C LEU B 110 2.82 -6.36 1.83
N VAL B 111 3.55 -5.25 1.89
CA VAL B 111 3.68 -4.36 0.73
C VAL B 111 5.15 -4.04 0.49
N GLY B 112 5.52 -3.90 -0.77
CA GLY B 112 6.88 -3.52 -1.10
C GLY B 112 7.00 -3.10 -2.55
N HIS B 113 8.25 -3.04 -3.03
CA HIS B 113 8.52 -2.64 -4.40
C HIS B 113 9.67 -3.46 -4.96
N ASP B 114 9.58 -3.78 -6.26
CA ASP B 114 10.61 -4.51 -6.99
C ASP B 114 10.90 -3.76 -8.28
N THR B 115 12.18 -3.66 -8.63
CA THR B 115 12.61 -3.14 -9.93
C THR B 115 13.28 -4.27 -10.71
N PHE B 116 12.89 -4.43 -11.98
CA PHE B 116 13.39 -5.51 -12.82
C PHE B 116 14.21 -4.95 -13.97
N THR B 117 15.32 -5.62 -14.27
CA THR B 117 16.21 -5.23 -15.37
C THR B 117 16.42 -6.41 -16.31
N LYS B 118 16.88 -6.11 -17.53
CA LYS B 118 17.16 -7.14 -18.53
C LYS B 118 18.52 -7.79 -18.35
N VAL B 119 19.38 -7.21 -17.52
CA VAL B 119 20.64 -7.83 -17.12
C VAL B 119 20.65 -7.95 -15.60
N LYS B 120 21.20 -9.04 -15.09
CA LYS B 120 21.19 -9.31 -13.66
C LYS B 120 22.20 -8.41 -12.94
N GLY C 2 -17.12 -22.30 -3.80
CA GLY C 2 -15.75 -21.84 -3.76
C GLY C 2 -15.56 -20.49 -4.42
N ILE C 3 -14.41 -20.31 -5.07
CA ILE C 3 -14.09 -19.03 -5.70
C ILE C 3 -14.88 -18.83 -7.00
N THR C 4 -15.06 -19.90 -7.77
CA THR C 4 -15.78 -19.80 -9.04
C THR C 4 -17.17 -19.22 -8.81
N GLY C 5 -17.53 -18.19 -9.58
CA GLY C 5 -18.85 -17.61 -9.48
C GLY C 5 -18.83 -16.14 -9.86
N THR C 6 -19.95 -15.47 -9.59
CA THR C 6 -20.10 -14.05 -9.83
C THR C 6 -20.10 -13.31 -8.51
N TRP C 7 -19.22 -12.31 -8.39
CA TRP C 7 -19.01 -11.55 -7.18
C TRP C 7 -19.22 -10.07 -7.47
N TYR C 8 -19.53 -9.31 -6.42
CA TYR C 8 -19.77 -7.88 -6.53
C TYR C 8 -18.99 -7.16 -5.45
N ASN C 9 -18.30 -6.09 -5.81
CA ASN C 9 -17.61 -5.34 -4.78
C ASN C 9 -18.57 -4.35 -4.10
N GLN C 10 -18.03 -3.63 -3.12
CA GLN C 10 -18.83 -2.71 -2.31
C GLN C 10 -19.34 -1.51 -3.11
N LEU C 11 -18.79 -1.26 -4.30
CA LEU C 11 -19.21 -0.17 -5.17
C LEU C 11 -20.04 -0.64 -6.35
N GLY C 12 -20.30 -1.94 -6.48
CA GLY C 12 -21.17 -2.45 -7.52
C GLY C 12 -20.47 -3.02 -8.74
N SER C 13 -19.14 -3.07 -8.75
CA SER C 13 -18.45 -3.74 -9.85
C SER C 13 -18.77 -5.23 -9.84
N THR C 14 -18.66 -5.85 -11.01
CA THR C 14 -19.02 -7.27 -11.18
C THR C 14 -17.78 -8.06 -11.61
N PHE C 15 -17.47 -9.09 -10.83
CA PHE C 15 -16.27 -9.91 -10.97
C PHE C 15 -16.77 -11.32 -11.26
N ILE C 16 -16.63 -11.75 -12.52
CA ILE C 16 -17.10 -13.07 -12.96
C ILE C 16 -15.85 -13.91 -13.15
N VAL C 17 -15.67 -14.93 -12.32
CA VAL C 17 -14.38 -15.62 -12.26
C VAL C 17 -14.59 -17.13 -12.27
N THR C 18 -13.64 -17.83 -12.87
CA THR C 18 -13.56 -19.28 -12.78
C THR C 18 -12.20 -19.64 -12.20
N ALA C 19 -12.22 -20.50 -11.18
CA ALA C 19 -11.02 -21.01 -10.54
C ALA C 19 -10.77 -22.41 -11.10
N GLY C 20 -9.72 -22.56 -11.89
CA GLY C 20 -9.46 -23.81 -12.57
C GLY C 20 -8.63 -24.76 -11.73
N ALA C 21 -8.59 -26.02 -12.18
CA ALA C 21 -7.87 -27.05 -11.44
C ALA C 21 -6.38 -26.75 -11.30
N ASP C 22 -5.81 -25.96 -12.21
CA ASP C 22 -4.38 -25.71 -12.25
C ASP C 22 -3.96 -24.46 -11.47
N GLY C 23 -4.83 -23.93 -10.61
CA GLY C 23 -4.53 -22.70 -9.91
C GLY C 23 -4.82 -21.43 -10.67
N ALA C 24 -5.44 -21.52 -11.85
CA ALA C 24 -5.71 -20.37 -12.69
C ALA C 24 -7.00 -19.67 -12.29
N LEU C 25 -6.99 -18.34 -12.29
CA LEU C 25 -8.19 -17.52 -12.30
C LEU C 25 -8.36 -16.92 -13.68
N THR C 26 -9.56 -17.03 -14.24
CA THR C 26 -9.89 -16.44 -15.53
C THR C 26 -11.29 -15.84 -15.44
N GLY C 27 -11.56 -14.82 -16.24
CA GLY C 27 -12.91 -14.30 -16.25
C GLY C 27 -12.96 -12.86 -16.75
N THR C 28 -13.98 -12.13 -16.29
CA THR C 28 -14.21 -10.76 -16.71
C THR C 28 -14.50 -9.85 -15.52
N TYR C 29 -14.16 -8.57 -15.68
CA TYR C 29 -14.40 -7.56 -14.66
C TYR C 29 -15.14 -6.41 -15.31
N GLU C 30 -16.21 -5.96 -14.66
CA GLU C 30 -17.00 -4.82 -15.13
C GLU C 30 -16.98 -3.79 -14.01
N SER C 31 -16.41 -2.61 -14.29
CA SER C 31 -16.27 -1.58 -13.28
C SER C 31 -17.45 -0.60 -13.35
N GLY C 34 -22.66 -1.11 -16.05
CA GLY C 34 -22.95 -2.51 -16.32
C GLY C 34 -23.33 -2.80 -17.75
N ASN C 35 -22.50 -2.34 -18.69
CA ASN C 35 -22.71 -2.53 -20.12
C ASN C 35 -21.52 -3.22 -20.74
N ALA C 36 -21.68 -3.60 -22.01
CA ALA C 36 -20.66 -4.41 -22.69
C ALA C 36 -19.34 -3.67 -22.79
N GLU C 37 -19.37 -2.37 -23.12
CA GLU C 37 -18.14 -1.60 -23.31
C GLU C 37 -17.40 -1.33 -22.01
N SER C 38 -17.92 -1.79 -20.87
CA SER C 38 -17.22 -1.67 -19.59
C SER C 38 -16.71 -3.02 -19.07
N ARG C 39 -16.65 -4.05 -19.92
CA ARG C 39 -16.18 -5.36 -19.52
C ARG C 39 -14.74 -5.57 -19.98
N TYR C 40 -13.90 -6.14 -19.11
CA TYR C 40 -12.47 -6.28 -19.36
C TYR C 40 -12.02 -7.68 -18.96
N VAL C 41 -10.98 -8.17 -19.65
CA VAL C 41 -10.39 -9.48 -19.34
C VAL C 41 -9.63 -9.41 -18.03
N LEU C 42 -9.71 -10.48 -17.23
CA LEU C 42 -8.86 -10.64 -16.06
C LEU C 42 -8.20 -12.02 -16.06
N THR C 43 -7.01 -12.09 -15.48
N THR C 43 -6.99 -12.08 -15.51
CA THR C 43 -6.36 -13.37 -15.21
CA THR C 43 -6.33 -13.35 -15.21
C THR C 43 -5.57 -13.26 -13.93
C THR C 43 -5.63 -13.24 -13.87
N GLY C 44 -5.49 -14.38 -13.22
CA GLY C 44 -4.76 -14.41 -11.96
C GLY C 44 -4.49 -15.83 -11.50
N ARG C 45 -4.16 -15.96 -10.23
CA ARG C 45 -3.78 -17.24 -9.65
C ARG C 45 -4.37 -17.35 -8.24
N TYR C 46 -4.59 -18.59 -7.79
CA TYR C 46 -5.05 -18.82 -6.43
C TYR C 46 -4.40 -20.09 -5.90
N ASP C 47 -4.38 -20.21 -4.56
CA ASP C 47 -3.88 -21.41 -3.90
C ASP C 47 -4.91 -22.52 -4.05
N SER C 48 -4.60 -23.52 -4.89
CA SER C 48 -5.52 -24.61 -5.16
C SER C 48 -5.53 -25.69 -4.08
N ALA C 49 -4.70 -25.57 -3.05
CA ALA C 49 -4.67 -26.53 -1.94
C ALA C 49 -4.47 -25.76 -0.64
N PRO C 50 -5.48 -25.02 -0.20
CA PRO C 50 -5.31 -24.18 0.99
C PRO C 50 -5.15 -25.02 2.25
N ALA C 51 -4.73 -24.34 3.31
CA ALA C 51 -4.62 -24.98 4.61
C ALA C 51 -6.00 -25.45 5.08
N THR C 52 -5.98 -26.41 6.01
CA THR C 52 -7.19 -27.00 6.56
C THR C 52 -7.37 -26.63 8.03
N ASP C 53 -6.96 -25.42 8.41
CA ASP C 53 -7.01 -24.96 9.79
C ASP C 53 -7.96 -23.78 9.98
N GLY C 54 -8.86 -23.55 9.02
CA GLY C 54 -9.74 -22.39 9.07
C GLY C 54 -9.24 -21.18 8.34
N SER C 55 -8.02 -21.21 7.80
CA SER C 55 -7.47 -20.07 7.08
C SER C 55 -8.18 -19.87 5.74
N GLY C 56 -8.14 -18.63 5.26
CA GLY C 56 -8.66 -18.32 3.94
C GLY C 56 -7.72 -18.80 2.84
N THR C 57 -8.17 -18.60 1.60
CA THR C 57 -7.45 -19.05 0.41
C THR C 57 -6.85 -17.83 -0.30
N ALA C 58 -5.53 -17.77 -0.36
CA ALA C 58 -4.86 -16.65 -0.99
C ALA C 58 -5.05 -16.64 -2.50
N LEU C 59 -5.13 -15.44 -3.07
N LEU C 59 -5.18 -15.44 -3.07
CA LEU C 59 -5.36 -15.29 -4.49
CA LEU C 59 -5.43 -15.30 -4.50
C LEU C 59 -4.93 -13.90 -4.94
C LEU C 59 -5.10 -13.87 -4.94
N GLY C 60 -4.95 -13.69 -6.25
CA GLY C 60 -4.74 -12.38 -6.82
C GLY C 60 -5.09 -12.38 -8.29
N TRP C 61 -5.41 -11.20 -8.82
CA TRP C 61 -5.68 -11.10 -10.25
C TRP C 61 -5.38 -9.71 -10.76
N THR C 62 -5.30 -9.59 -12.10
CA THR C 62 -4.98 -8.35 -12.78
C THR C 62 -6.03 -8.05 -13.85
N VAL C 63 -6.37 -6.77 -13.99
CA VAL C 63 -7.12 -6.25 -15.14
C VAL C 63 -6.30 -5.11 -15.74
N ALA C 64 -5.98 -5.21 -17.03
CA ALA C 64 -5.48 -4.07 -17.79
C ALA C 64 -6.69 -3.38 -18.41
N TRP C 65 -6.78 -2.05 -18.23
CA TRP C 65 -7.99 -1.33 -18.58
C TRP C 65 -8.05 -0.96 -20.06
N LYS C 66 -7.86 -1.97 -20.91
CA LYS C 66 -8.05 -1.86 -22.35
C LYS C 66 -9.04 -2.91 -22.79
N ASN C 67 -10.03 -2.49 -23.57
CA ASN C 67 -10.91 -3.43 -24.27
C ASN C 67 -11.07 -2.92 -25.69
N ASN C 68 -12.08 -3.42 -26.40
CA ASN C 68 -12.30 -2.99 -27.77
C ASN C 68 -12.85 -1.58 -27.88
N TYR C 69 -13.21 -0.95 -26.77
CA TYR C 69 -13.89 0.32 -26.77
C TYR C 69 -13.15 1.45 -26.07
N ARG C 70 -12.34 1.14 -25.07
CA ARG C 70 -11.64 2.16 -24.29
C ARG C 70 -10.26 1.65 -23.91
N ASN C 71 -9.34 2.59 -23.67
CA ASN C 71 -8.02 2.23 -23.15
C ASN C 71 -7.58 3.35 -22.22
N ALA C 72 -7.50 3.03 -20.92
CA ALA C 72 -7.08 4.00 -19.91
C ALA C 72 -5.58 4.00 -19.69
N HIS C 73 -4.84 3.12 -20.36
CA HIS C 73 -3.39 3.01 -20.18
C HIS C 73 -3.03 2.83 -18.70
N SER C 74 -3.63 1.78 -18.11
CA SER C 74 -3.50 1.54 -16.68
C SER C 74 -3.88 0.10 -16.40
N ALA C 75 -3.53 -0.38 -15.20
CA ALA C 75 -3.86 -1.73 -14.79
C ALA C 75 -4.02 -1.80 -13.29
N THR C 76 -4.98 -2.59 -12.82
CA THR C 76 -5.20 -2.84 -11.40
C THR C 76 -4.86 -4.28 -11.06
N THR C 77 -4.17 -4.48 -9.93
CA THR C 77 -4.03 -5.81 -9.34
C THR C 77 -4.76 -5.85 -8.01
N TRP C 78 -5.49 -6.94 -7.77
CA TRP C 78 -6.12 -7.21 -6.47
C TRP C 78 -5.40 -8.38 -5.81
N SER C 79 -5.03 -8.20 -4.54
CA SER C 79 -4.37 -9.24 -3.75
C SER C 79 -5.22 -9.47 -2.51
N GLY C 80 -5.55 -10.72 -2.21
CA GLY C 80 -6.42 -10.97 -1.08
C GLY C 80 -6.61 -12.42 -0.74
N GLN C 81 -7.71 -12.69 -0.03
CA GLN C 81 -8.04 -14.07 0.33
C GLN C 81 -9.55 -14.30 0.28
N TYR C 82 -9.92 -15.52 -0.13
CA TYR C 82 -11.30 -15.96 -0.13
C TYR C 82 -11.60 -16.59 1.23
N VAL C 83 -12.70 -16.19 1.83
CA VAL C 83 -13.13 -16.69 3.11
C VAL C 83 -14.49 -17.33 2.89
N GLY C 84 -14.55 -18.65 2.98
CA GLY C 84 -15.78 -19.37 2.80
C GLY C 84 -16.67 -19.29 4.03
N GLY C 85 -17.84 -19.88 3.91
CA GLY C 85 -18.79 -19.92 5.00
C GLY C 85 -20.17 -19.55 4.53
N ALA C 86 -21.03 -19.18 5.49
CA ALA C 86 -22.43 -18.87 5.18
C ALA C 86 -22.55 -17.73 4.17
N GLU C 87 -21.87 -16.61 4.44
CA GLU C 87 -21.75 -15.53 3.47
C GLU C 87 -20.29 -15.48 3.05
N ALA C 88 -19.99 -16.14 1.93
CA ALA C 88 -18.63 -16.14 1.43
C ALA C 88 -18.21 -14.73 1.05
N ARG C 89 -16.91 -14.47 1.16
CA ARG C 89 -16.38 -13.13 0.91
C ARG C 89 -14.98 -13.27 0.34
N ILE C 90 -14.62 -12.35 -0.54
CA ILE C 90 -13.22 -12.18 -0.95
C ILE C 90 -12.79 -10.78 -0.51
N ASN C 91 -11.82 -10.73 0.39
CA ASN C 91 -11.30 -9.47 0.92
C ASN C 91 -9.98 -9.16 0.23
N THR C 92 -9.87 -7.96 -0.35
CA THR C 92 -8.70 -7.61 -1.14
C THR C 92 -8.18 -6.22 -0.78
N GLN C 93 -6.92 -6.03 -1.13
CA GLN C 93 -6.33 -4.71 -1.32
C GLN C 93 -5.81 -4.64 -2.75
N TRP C 94 -5.79 -3.42 -3.32
CA TRP C 94 -5.48 -3.29 -4.73
C TRP C 94 -4.51 -2.15 -4.99
N LEU C 95 -3.81 -2.27 -6.13
CA LEU C 95 -2.89 -1.27 -6.65
C LEU C 95 -3.28 -0.98 -8.09
N LEU C 96 -3.43 0.30 -8.42
CA LEU C 96 -3.82 0.73 -9.76
C LEU C 96 -2.71 1.62 -10.31
N THR C 97 -1.93 1.10 -11.26
CA THR C 97 -0.80 1.83 -11.82
C THR C 97 -1.16 2.31 -13.22
N SER C 98 -0.90 3.60 -13.48
CA SER C 98 -1.05 4.18 -14.80
C SER C 98 0.31 4.29 -15.48
N GLY C 99 0.32 4.15 -16.81
CA GLY C 99 1.51 4.49 -17.56
C GLY C 99 1.82 5.97 -17.46
N THR C 100 3.04 6.34 -17.08
CA THR C 100 3.42 7.74 -16.92
C THR C 100 4.81 7.97 -17.50
N THR C 101 5.16 9.24 -17.67
CA THR C 101 6.55 9.58 -17.88
C THR C 101 7.32 9.38 -16.58
N GLU C 102 8.65 9.39 -16.70
CA GLU C 102 9.47 9.23 -15.50
C GLU C 102 9.21 10.36 -14.50
N ALA C 103 9.07 11.59 -14.99
CA ALA C 103 8.86 12.71 -14.08
C ALA C 103 7.57 12.58 -13.27
N ASN C 104 6.58 11.87 -13.79
CA ASN C 104 5.29 11.70 -13.13
C ASN C 104 5.13 10.35 -12.48
N ALA C 105 6.17 9.51 -12.50
CA ALA C 105 6.04 8.16 -11.99
C ALA C 105 5.76 8.12 -10.49
N TRP C 106 6.17 9.15 -9.75
CA TRP C 106 5.94 9.13 -8.30
C TRP C 106 4.47 9.09 -7.95
N LYS C 107 3.61 9.62 -8.83
CA LYS C 107 2.17 9.65 -8.59
C LYS C 107 1.41 8.69 -9.51
N SER C 108 2.07 7.60 -9.93
CA SER C 108 1.48 6.67 -10.88
C SER C 108 0.55 5.63 -10.26
N THR C 109 0.54 5.44 -8.95
CA THR C 109 -0.09 4.26 -8.35
C THR C 109 -1.06 4.65 -7.24
N LEU C 110 -2.33 4.28 -7.41
CA LEU C 110 -3.35 4.41 -6.38
C LEU C 110 -3.48 3.10 -5.61
N VAL C 111 -3.93 3.20 -4.35
CA VAL C 111 -4.10 2.03 -3.48
C VAL C 111 -5.47 2.11 -2.81
N GLY C 112 -6.10 0.96 -2.63
CA GLY C 112 -7.33 0.89 -1.85
C GLY C 112 -7.66 -0.53 -1.48
N HIS C 113 -8.91 -0.74 -1.05
CA HIS C 113 -9.37 -2.05 -0.63
C HIS C 113 -10.79 -2.31 -1.11
N ASP C 114 -11.02 -3.51 -1.64
CA ASP C 114 -12.33 -3.92 -2.12
C ASP C 114 -12.74 -5.20 -1.39
N THR C 115 -14.00 -5.29 -0.98
CA THR C 115 -14.55 -6.54 -0.46
C THR C 115 -15.67 -7.01 -1.40
N PHE C 116 -15.64 -8.31 -1.72
CA PHE C 116 -16.55 -8.90 -2.70
C PHE C 116 -17.47 -9.91 -2.01
N THR C 117 -18.75 -9.86 -2.36
CA THR C 117 -19.71 -10.86 -1.93
C THR C 117 -20.50 -11.34 -3.14
N LYS C 118 -21.31 -12.37 -2.94
CA LYS C 118 -22.13 -12.89 -4.02
C LYS C 118 -23.45 -12.15 -4.17
N VAL C 119 -23.66 -11.08 -3.41
CA VAL C 119 -24.89 -10.30 -3.44
C VAL C 119 -24.55 -8.86 -3.82
N LYS C 120 -25.40 -8.26 -4.66
CA LYS C 120 -25.25 -6.85 -4.99
C LYS C 120 -25.33 -6.00 -3.72
N PRO C 121 -24.46 -4.98 -3.58
CA PRO C 121 -24.47 -4.09 -2.42
C PRO C 121 -25.73 -3.24 -2.35
N ALA D 1 -13.74 21.69 13.71
CA ALA D 1 -12.97 20.67 13.00
C ALA D 1 -13.57 19.28 13.19
N GLY D 2 -14.21 19.06 14.35
CA GLY D 2 -14.87 17.80 14.65
C GLY D 2 -13.94 16.63 14.94
N ILE D 3 -12.63 16.84 14.89
CA ILE D 3 -11.68 15.74 15.06
C ILE D 3 -11.36 15.47 16.53
N THR D 4 -11.26 16.52 17.35
CA THR D 4 -10.87 16.34 18.74
C THR D 4 -11.87 15.45 19.47
N GLY D 5 -11.37 14.46 20.18
CA GLY D 5 -12.18 13.57 20.96
C GLY D 5 -11.67 12.15 20.87
N THR D 6 -12.51 11.21 21.29
CA THR D 6 -12.18 9.80 21.33
C THR D 6 -12.78 9.09 20.12
N TRP D 7 -11.97 8.23 19.48
CA TRP D 7 -12.38 7.48 18.31
C TRP D 7 -12.12 5.99 18.55
N TYR D 8 -12.91 5.15 17.87
CA TYR D 8 -12.83 3.71 18.04
C TYR D 8 -12.78 3.06 16.66
N ASN D 9 -11.87 2.11 16.48
CA ASN D 9 -11.77 1.41 15.21
C ASN D 9 -12.65 0.16 15.23
N GLN D 10 -12.53 -0.65 14.18
CA GLN D 10 -13.38 -1.81 13.99
C GLN D 10 -12.93 -3.03 14.79
N LEU D 11 -11.77 -2.96 15.48
CA LEU D 11 -11.15 -4.14 16.09
C LEU D 11 -10.81 -3.96 17.56
N GLY D 12 -11.42 -2.99 18.24
CA GLY D 12 -11.22 -2.83 19.67
C GLY D 12 -10.14 -1.85 20.09
N SER D 13 -9.63 -1.02 19.18
CA SER D 13 -8.64 -0.02 19.53
C SER D 13 -9.30 1.34 19.69
N THR D 14 -8.68 2.19 20.50
CA THR D 14 -9.23 3.49 20.83
C THR D 14 -8.14 4.53 20.70
N PHE D 15 -8.48 5.69 20.19
CA PHE D 15 -7.53 6.79 20.33
C PHE D 15 -8.23 8.07 20.71
N ILE D 16 -7.56 8.84 21.56
CA ILE D 16 -8.03 10.16 21.95
C ILE D 16 -7.06 11.15 21.35
N VAL D 17 -7.58 12.14 20.65
CA VAL D 17 -6.76 13.07 19.90
C VAL D 17 -7.26 14.49 20.17
N THR D 18 -6.33 15.43 20.17
CA THR D 18 -6.64 16.84 20.13
C THR D 18 -6.15 17.38 18.79
N ALA D 19 -7.03 18.05 18.06
CA ALA D 19 -6.69 18.70 16.80
C ALA D 19 -6.42 20.18 17.11
N GLY D 20 -5.15 20.56 17.08
CA GLY D 20 -4.78 21.92 17.41
C GLY D 20 -5.11 22.90 16.29
N ALA D 21 -5.17 24.18 16.67
CA ALA D 21 -5.56 25.21 15.71
C ALA D 21 -4.56 25.31 14.56
N ASP D 22 -3.31 24.91 14.81
CA ASP D 22 -2.22 25.02 13.86
C ASP D 22 -2.10 23.83 12.91
N GLY D 23 -2.93 22.80 13.08
CA GLY D 23 -2.81 21.59 12.29
C GLY D 23 -2.20 20.41 13.01
N ALA D 24 -1.92 20.53 14.31
CA ALA D 24 -1.30 19.45 15.05
C ALA D 24 -2.33 18.41 15.47
N LEU D 25 -1.94 17.14 15.39
CA LEU D 25 -2.65 16.06 16.08
C LEU D 25 -1.75 15.53 17.17
N THR D 26 -2.28 15.46 18.40
CA THR D 26 -1.57 14.91 19.53
C THR D 26 -2.54 14.06 20.34
N GLY D 27 -2.03 13.00 20.95
CA GLY D 27 -2.90 12.21 21.81
C GLY D 27 -2.29 10.87 22.17
N THR D 28 -3.16 9.91 22.43
N THR D 28 -3.17 9.89 22.35
CA THR D 28 -2.72 8.58 22.78
CA THR D 28 -2.81 8.57 22.87
C THR D 28 -3.55 7.55 22.01
C THR D 28 -3.60 7.52 22.11
N TYR D 29 -2.92 6.43 21.75
CA TYR D 29 -3.56 5.30 21.08
C TYR D 29 -3.50 4.09 22.01
N GLU D 30 -4.62 3.38 22.17
CA GLU D 30 -4.68 2.32 23.17
C GLU D 30 -5.65 1.23 22.74
N SER D 31 -5.83 0.25 23.63
CA SER D 31 -6.77 -0.84 23.42
C SER D 31 -8.11 -0.49 24.07
N ALA D 32 -9.10 -1.39 23.89
CA ALA D 32 -10.43 -1.13 24.44
C ALA D 32 -10.41 -1.10 25.96
N VAL D 33 -9.65 -1.99 26.58
CA VAL D 33 -9.61 -2.03 28.05
C VAL D 33 -8.86 -0.82 28.61
N GLY D 34 -7.87 -0.33 27.88
CA GLY D 34 -7.20 0.91 28.26
C GLY D 34 -6.17 0.80 29.36
N ASN D 35 -5.63 -0.40 29.60
CA ASN D 35 -4.58 -0.53 30.61
C ASN D 35 -3.32 0.20 30.16
N ALA D 36 -2.50 0.60 31.15
CA ALA D 36 -1.34 1.44 30.87
C ALA D 36 -0.39 0.77 29.89
N GLU D 37 -0.25 -0.55 29.96
CA GLU D 37 0.67 -1.25 29.08
C GLU D 37 0.23 -1.21 27.62
N SER D 38 -1.01 -0.82 27.33
CA SER D 38 -1.53 -0.77 25.96
C SER D 38 -1.56 0.63 25.38
N ARG D 39 -1.08 1.64 26.10
CA ARG D 39 -1.19 3.04 25.68
C ARG D 39 0.12 3.52 25.09
N TYR D 40 0.01 4.25 23.96
CA TYR D 40 1.18 4.74 23.23
C TYR D 40 0.93 6.17 22.76
N VAL D 41 2.02 6.95 22.67
CA VAL D 41 1.93 8.32 22.18
C VAL D 41 1.61 8.31 20.68
N LEU D 42 0.72 9.21 20.26
CA LEU D 42 0.46 9.42 18.85
C LEU D 42 0.67 10.89 18.50
N THR D 43 1.25 11.13 17.33
N THR D 43 1.18 11.12 17.29
CA THR D 43 1.38 12.49 16.83
CA THR D 43 1.47 12.47 16.82
C THR D 43 1.17 12.50 15.33
C THR D 43 1.25 12.52 15.31
N GLY D 44 0.62 13.59 14.83
CA GLY D 44 0.41 13.74 13.41
C GLY D 44 -0.01 15.13 13.02
N ARG D 45 -0.62 15.24 11.84
CA ARG D 45 -0.97 16.52 11.24
C ARG D 45 -2.30 16.36 10.50
N TYR D 46 -3.05 17.46 10.42
CA TYR D 46 -4.28 17.48 9.62
C TYR D 46 -4.39 18.82 8.92
N ASP D 47 -5.23 18.86 7.88
CA ASP D 47 -5.52 20.08 7.13
C ASP D 47 -6.47 20.95 7.96
N SER D 48 -5.95 22.04 8.51
CA SER D 48 -6.73 22.91 9.38
C SER D 48 -7.59 23.91 8.62
N ALA D 49 -7.56 23.93 7.30
CA ALA D 49 -8.44 24.78 6.48
C ALA D 49 -8.95 23.97 5.31
N PRO D 50 -9.79 22.97 5.57
CA PRO D 50 -10.24 22.07 4.50
C PRO D 50 -11.14 22.80 3.49
N ALA D 51 -11.34 22.13 2.35
CA ALA D 51 -12.26 22.64 1.35
C ALA D 51 -13.67 22.71 1.91
N THR D 52 -14.50 23.55 1.27
CA THR D 52 -15.89 23.75 1.69
C THR D 52 -16.89 23.19 0.69
N ASP D 53 -16.47 22.25 -0.15
CA ASP D 53 -17.29 21.70 -1.21
C ASP D 53 -17.86 20.32 -0.88
N GLY D 54 -17.82 19.91 0.40
CA GLY D 54 -18.24 18.59 0.79
C GLY D 54 -17.15 17.55 0.83
N SER D 55 -15.90 17.93 0.57
CA SER D 55 -14.79 17.00 0.65
C SER D 55 -14.42 16.74 2.10
N GLY D 56 -13.76 15.60 2.33
CA GLY D 56 -13.25 15.27 3.64
C GLY D 56 -12.01 16.08 3.98
N THR D 57 -11.54 15.92 5.22
CA THR D 57 -10.37 16.62 5.75
C THR D 57 -9.20 15.65 5.80
N ALA D 58 -8.14 15.93 5.03
CA ALA D 58 -7.00 15.04 4.99
C ALA D 58 -6.22 15.09 6.31
N LEU D 59 -5.69 13.94 6.72
CA LEU D 59 -4.92 13.86 7.97
C LEU D 59 -4.02 12.64 7.95
N GLY D 60 -3.11 12.59 8.92
CA GLY D 60 -2.29 11.41 9.15
C GLY D 60 -1.67 11.46 10.54
N TRP D 61 -1.32 10.28 11.05
CA TRP D 61 -0.62 10.23 12.33
C TRP D 61 0.22 8.96 12.42
N THR D 62 1.14 8.97 13.40
CA THR D 62 2.07 7.87 13.63
C THR D 62 2.01 7.44 15.09
N VAL D 63 2.13 6.13 15.32
CA VAL D 63 2.38 5.55 16.64
C VAL D 63 3.61 4.64 16.51
N ALA D 64 4.65 4.91 17.29
CA ALA D 64 5.74 3.96 17.45
C ALA D 64 5.40 3.06 18.64
N TRP D 65 5.51 1.76 18.44
CA TRP D 65 5.00 0.81 19.43
C TRP D 65 5.98 0.58 20.57
N LYS D 66 6.47 1.67 21.16
CA LYS D 66 7.25 1.64 22.39
C LYS D 66 6.54 2.48 23.44
N ASN D 67 6.40 1.92 24.64
CA ASN D 67 5.99 2.71 25.80
C ASN D 67 6.90 2.35 26.96
N ASN D 68 6.52 2.77 28.17
CA ASN D 68 7.37 2.48 29.32
C ASN D 68 7.34 1.01 29.72
N TYR D 69 6.53 0.18 29.09
CA TYR D 69 6.33 -1.20 29.50
C TYR D 69 6.74 -2.24 28.47
N ARG D 70 6.80 -1.88 27.19
CA ARG D 70 7.10 -2.84 26.14
C ARG D 70 7.58 -2.09 24.91
N ASN D 71 8.18 -2.84 23.98
CA ASN D 71 8.70 -2.24 22.75
C ASN D 71 8.67 -3.30 21.67
N ALA D 72 7.82 -3.09 20.65
CA ALA D 72 7.71 -4.00 19.52
C ALA D 72 8.66 -3.67 18.38
N HIS D 73 9.45 -2.61 18.51
CA HIS D 73 10.40 -2.19 17.48
C HIS D 73 9.72 -2.04 16.12
N SER D 74 8.66 -1.24 16.11
CA SER D 74 7.85 -1.04 14.92
C SER D 74 7.06 0.25 15.08
N ALA D 75 6.48 0.70 13.97
CA ALA D 75 5.67 1.92 13.97
C ALA D 75 4.61 1.82 12.90
N THR D 76 3.42 2.35 13.20
CA THR D 76 2.32 2.41 12.24
C THR D 76 2.03 3.86 11.87
N THR D 77 1.79 4.12 10.58
CA THR D 77 1.26 5.39 10.11
C THR D 77 -0.12 5.18 9.50
N TRP D 78 -1.06 6.04 9.87
CA TRP D 78 -2.40 6.03 9.30
C TRP D 78 -2.54 7.26 8.43
N SER D 79 -3.05 7.08 7.21
CA SER D 79 -3.26 8.16 6.26
C SER D 79 -4.72 8.12 5.82
N GLY D 80 -5.42 9.23 5.93
CA GLY D 80 -6.83 9.17 5.58
C GLY D 80 -7.52 10.51 5.57
N GLN D 81 -8.83 10.45 5.76
CA GLN D 81 -9.64 11.66 5.81
C GLN D 81 -10.76 11.54 6.84
N TYR D 82 -11.03 12.67 7.48
CA TYR D 82 -12.16 12.83 8.38
C TYR D 82 -13.39 13.28 7.59
N VAL D 83 -14.52 12.64 7.87
CA VAL D 83 -15.80 12.97 7.26
C VAL D 83 -16.78 13.26 8.39
N GLY D 84 -17.30 14.48 8.43
CA GLY D 84 -18.12 14.93 9.53
C GLY D 84 -19.57 14.48 9.43
N GLY D 85 -20.37 15.00 10.35
CA GLY D 85 -21.79 14.75 10.36
C GLY D 85 -22.22 13.92 11.57
N ALA D 86 -23.49 13.51 11.53
CA ALA D 86 -24.06 12.75 12.64
C ALA D 86 -23.45 11.36 12.74
N GLU D 87 -22.94 10.83 11.62
CA GLU D 87 -22.25 9.55 11.60
C GLU D 87 -20.80 9.79 11.20
N ALA D 88 -20.09 10.61 11.97
CA ALA D 88 -18.74 11.03 11.61
C ALA D 88 -17.80 9.83 11.54
N ARG D 89 -16.84 9.90 10.61
CA ARG D 89 -15.89 8.82 10.41
C ARG D 89 -14.51 9.38 10.12
N ILE D 90 -13.49 8.61 10.47
CA ILE D 90 -12.15 8.80 9.93
C ILE D 90 -11.82 7.51 9.18
N ASN D 91 -11.67 7.61 7.85
CA ASN D 91 -11.39 6.46 7.01
C ASN D 91 -9.91 6.47 6.65
N THR D 92 -9.21 5.39 6.96
CA THR D 92 -7.76 5.38 6.84
C THR D 92 -7.26 4.14 6.13
N GLN D 93 -6.05 4.27 5.59
CA GLN D 93 -5.19 3.15 5.24
C GLN D 93 -3.90 3.30 6.03
N TRP D 94 -3.27 2.18 6.37
CA TRP D 94 -2.12 2.23 7.27
C TRP D 94 -0.97 1.37 6.76
N LEU D 95 0.23 1.73 7.23
CA LEU D 95 1.48 1.03 6.96
C LEU D 95 2.18 0.77 8.29
N LEU D 96 2.57 -0.47 8.53
CA LEU D 96 3.19 -0.85 9.79
C LEU D 96 4.56 -1.42 9.45
N THR D 97 5.62 -0.66 9.75
CA THR D 97 6.98 -1.06 9.43
C THR D 97 7.70 -1.51 10.69
N SER D 98 8.30 -2.69 10.64
CA SER D 98 9.14 -3.19 11.72
C SER D 98 10.61 -2.91 11.41
N GLY D 99 11.40 -2.68 12.45
CA GLY D 99 12.84 -2.68 12.29
C GLY D 99 13.33 -4.08 11.97
N THR D 100 14.11 -4.21 10.89
CA THR D 100 14.59 -5.51 10.44
C THR D 100 16.06 -5.40 10.02
N THR D 101 16.69 -6.56 9.82
CA THR D 101 17.96 -6.56 9.11
C THR D 101 17.71 -6.33 7.62
N GLU D 102 18.80 -6.07 6.89
CA GLU D 102 18.69 -5.86 5.46
C GLU D 102 18.11 -7.07 4.76
N ALA D 103 18.49 -8.28 5.20
CA ALA D 103 18.04 -9.49 4.53
C ALA D 103 16.54 -9.72 4.70
N ASN D 104 15.95 -9.16 5.76
CA ASN D 104 14.53 -9.30 6.01
C ASN D 104 13.75 -8.03 5.71
N ALA D 105 14.41 -7.03 5.10
CA ALA D 105 13.74 -5.75 4.87
C ALA D 105 12.61 -5.87 3.86
N TRP D 106 12.71 -6.83 2.93
CA TRP D 106 11.67 -6.96 1.91
C TRP D 106 10.30 -7.24 2.53
N LYS D 107 10.26 -7.87 3.70
CA LYS D 107 9.02 -8.21 4.39
C LYS D 107 8.82 -7.38 5.66
N SER D 108 9.32 -6.15 5.68
CA SER D 108 9.25 -5.29 6.86
C SER D 108 7.92 -4.56 7.03
N THR D 109 7.07 -4.48 6.00
CA THR D 109 5.97 -3.53 6.02
C THR D 109 4.63 -4.21 5.72
N LEU D 110 3.70 -4.10 6.66
CA LEU D 110 2.33 -4.56 6.49
C LEU D 110 1.44 -3.38 6.10
N VAL D 111 0.38 -3.68 5.36
CA VAL D 111 -0.58 -2.67 4.90
C VAL D 111 -1.99 -3.10 5.23
N GLY D 112 -2.84 -2.14 5.59
CA GLY D 112 -4.23 -2.43 5.87
C GLY D 112 -5.05 -1.15 5.90
N HIS D 113 -6.26 -1.28 6.44
CA HIS D 113 -7.19 -0.16 6.51
C HIS D 113 -7.98 -0.23 7.81
N ASP D 114 -8.26 0.94 8.38
CA ASP D 114 -9.03 1.10 9.61
C ASP D 114 -10.07 2.18 9.40
N THR D 115 -11.26 1.95 9.95
N THR D 115 -11.27 1.95 9.93
CA THR D 115 -12.32 2.96 9.99
CA THR D 115 -12.31 2.97 9.97
C THR D 115 -12.62 3.28 11.44
C THR D 115 -12.63 3.28 11.43
N PHE D 116 -12.68 4.57 11.77
CA PHE D 116 -12.91 5.01 13.13
C PHE D 116 -14.26 5.72 13.23
N THR D 117 -14.96 5.47 14.33
CA THR D 117 -16.23 6.13 14.63
C THR D 117 -16.15 6.71 16.04
N LYS D 118 -17.08 7.62 16.35
CA LYS D 118 -17.14 8.21 17.67
C LYS D 118 -17.86 7.32 18.68
N VAL D 119 -18.44 6.20 18.24
CA VAL D 119 -19.17 5.26 19.08
C VAL D 119 -18.45 3.92 19.04
N LYS D 120 -18.32 3.29 20.21
CA LYS D 120 -17.66 1.99 20.31
C LYS D 120 -18.34 0.90 19.48
C10 6FX E . 7.21 13.35 -1.51
C11 6FX E . 6.03 11.24 -1.20
O3 6FX E . -1.59 16.90 -3.25
C13 6FX E . -0.61 16.21 -3.30
O4 6FX E . -0.63 14.97 -3.80
C14 6FX E . -1.92 14.50 -4.28
C5 6FX E . 0.77 16.66 -2.94
C1 6FX E . 1.06 18.00 -2.74
C4 6FX E . 1.78 15.74 -2.71
C3 6FX E . 3.06 16.16 -2.39
C2 6FX E . 3.25 17.54 -2.21
N1 6FX E . 2.28 18.44 -2.40
C6 6FX E . 4.11 15.21 -2.12
O1 6FX E . 3.66 13.90 -1.93
C9 6FX E . 4.78 13.14 -1.67
C12 6FX E . 4.82 11.79 -1.42
N2 6FX E . 7.17 11.99 -1.25
O2 6FX E . 8.30 13.94 -1.53
C8 6FX E . 5.92 13.94 -1.72
C7 6FX E . 5.46 15.26 -2.02
C10 6FX F . 9.32 -11.29 -4.70
C11 6FX F . 7.74 -9.61 -3.93
O3 6FX F . 9.47 -18.90 -2.45
C13 6FX F . 8.68 -18.71 -1.57
O4 6FX F . 8.39 -19.62 -0.63
C14 6FX F . 9.14 -20.86 -0.69
C5 6FX F . 7.97 -17.43 -1.32
C1 6FX F . 6.99 -17.31 -0.34
C4 6FX F . 8.30 -16.28 -2.04
C3 6FX F . 7.65 -15.10 -1.78
C2 6FX F . 6.67 -15.08 -0.79
N1 6FX F . 6.34 -16.18 -0.08
C6 6FX F . 7.97 -13.89 -2.54
O1 6FX F . 7.17 -12.79 -2.23
C9 6FX F . 7.61 -11.77 -3.02
C12 6FX F . 7.13 -10.47 -3.06
N2 6FX F . 8.78 -10.01 -4.70
O2 6FX F . 10.28 -11.56 -5.45
C8 6FX F . 8.69 -12.19 -3.80
C7 6FX F . 8.88 -13.57 -3.47
C10 6FX G . -12.23 -1.44 -8.97
C11 6FX G . -10.18 -1.11 -7.67
O3 6FX G . -13.60 1.35 -16.22
C13 6FX G . -12.58 2.00 -16.24
O4 6FX G . -12.30 2.88 -17.21
C14 6FX G . -13.33 3.06 -18.22
C5 6FX G . -11.55 1.99 -15.19
C1 6FX G . -10.36 2.69 -15.30
C4 6FX G . -11.76 1.29 -14.00
C3 6FX G . -10.80 1.30 -13.00
C2 6FX G . -9.64 2.03 -13.23
N1 6FX G . -9.41 2.72 -14.36
C6 6FX G . -11.01 0.56 -11.76
O1 6FX G . -9.95 0.62 -10.86
C9 6FX G . -10.34 -0.12 -9.77
C12 6FX G . -9.61 -0.35 -8.62
N2 6FX G . -11.44 -1.63 -7.84
O2 6FX G . -13.36 -1.95 -9.02
C8 6FX G . -11.61 -0.63 -9.98
C7 6FX G . -12.01 -0.18 -11.26
C10 6FX H . -4.05 -0.83 14.77
C11 6FX H . -3.36 -0.75 12.43
O3 6FX H . 2.25 -4.12 20.75
C13 6FX H . 1.33 -3.67 20.12
O4 6FX H . 0.20 -3.25 20.68
C14 6FX H . 0.10 -3.39 22.12
C5 6FX H . 1.33 -3.51 18.64
C1 6FX H . 2.42 -3.88 17.87
C4 6FX H . 0.23 -2.97 17.99
C3 6FX H . 0.25 -2.83 16.61
C2 6FX H . 1.39 -3.24 15.93
N1 6FX H . 2.46 -3.76 16.54
C6 6FX H . -0.89 -2.27 15.89
O1 6FX H . -0.70 -2.14 14.52
C9 6FX H . -1.86 -1.59 14.02
C12 6FX H . -2.14 -1.27 12.71
N2 6FX H . -4.27 -0.54 13.43
O2 6FX H . -4.95 -0.59 15.59
C8 6FX H . -2.77 -1.38 15.06
C7 6FX H . -2.12 -1.83 16.25
#